data_8C02
#
_entry.id   8C02
#
_cell.length_a   1.00
_cell.length_b   1.00
_cell.length_c   1.00
_cell.angle_alpha   90.00
_cell.angle_beta   90.00
_cell.angle_gamma   90.00
#
_symmetry.space_group_name_H-M   'P 1'
#
loop_
_entity.id
_entity.type
_entity.pdbx_description
1 polymer 'Solute carrier family 40 member 1'
2 polymer Sybody3
#
loop_
_entity_poly.entity_id
_entity_poly.type
_entity_poly.pdbx_seq_one_letter_code
_entity_poly.pdbx_strand_id
1 'polypeptide(L)'
;MSTRAGDHNRQRGCCGSLADYLTSAKFLLYLGHSLSTWGDRMWHFAVSVFLVELYGNSLLLTAVYGLVVAGSVLVLGAII
GDWVDKNARLKVAQTSLVVQNVSVILCGIILMMVFLHKHELLTMYHGWVLTSCYILIITIANIANLASTATAITIQRDWI
VVVAGEDRSKLANMNATIRRIDQLTNILAPMAVGQIMTFGSPVIGCGFISGWNLVSMCVEYVLLWKVYQKTPALAVKAGL
KEEETELKQLNLHKDTEPKPLEGTHLMGVKDSNIHELEHEQEPTCASQMAEPFRTFRDGWVSYYNQPVFLAGMGLAFLYM
TVLGFDCITTGYAYTQGLSGSILSILMGASAITGIMGTVAFTWLRRKCGLVRTGLISGLAQLSCLILCVISVFMPGSPLD
LSVSPFEDIRSRFIQGESITPTKIPEITTEIYMSNGSNSANIVPETSPESVPIISVSLLFAGVIAARIGLWSFDLTVTQL
LQENVIESERGIINGVQNSMNYLLDLLHFIMVILAPNPEAFGLLVLISVSFVAMGHIMYFRFAQNTLGNKLFACGPDAKE
VRKENQANTSVVALEVLFQG
;
A
2 'polypeptide(L)'
;QVQLVESGGGLVQAGGSLRLSCAASGFPVAWNEMRWYRQAPGKEREWVAAIASIGVTTYYADSVKGRFTISRDNAKNTVY
LQMNSLKPEDTAVYYCNVKDYGMAFWYYDYWGQGTQVTVSAGRAGEQKLISEEDLNSAVDHHHHHH
;
B
#
# COMPACT_ATOMS: atom_id res chain seq x y z
N ALA A 19 -5.83 -19.97 -32.26
CA ALA A 19 -5.56 -19.27 -31.01
C ALA A 19 -6.22 -19.99 -29.83
N ASP A 20 -5.81 -21.24 -29.61
CA ASP A 20 -6.35 -22.01 -28.50
C ASP A 20 -5.85 -21.53 -27.14
N TYR A 21 -4.85 -20.65 -27.11
CA TYR A 21 -4.35 -20.13 -25.84
C TYR A 21 -5.43 -19.37 -25.08
N LEU A 22 -6.40 -18.81 -25.81
CA LEU A 22 -7.49 -18.10 -25.16
C LEU A 22 -8.38 -19.04 -24.37
N THR A 23 -8.51 -20.29 -24.81
CA THR A 23 -9.35 -21.28 -24.14
C THR A 23 -8.58 -22.23 -23.23
N SER A 24 -7.25 -22.12 -23.19
CA SER A 24 -6.47 -23.00 -22.32
C SER A 24 -6.63 -22.56 -20.86
N ALA A 25 -6.70 -23.56 -19.97
CA ALA A 25 -6.97 -23.28 -18.57
C ALA A 25 -5.97 -22.29 -17.99
N LYS A 26 -4.75 -22.27 -18.54
CA LYS A 26 -3.74 -21.30 -18.13
C LYS A 26 -4.29 -19.88 -18.18
N PHE A 27 -4.65 -19.42 -19.38
CA PHE A 27 -5.11 -18.05 -19.55
C PHE A 27 -6.41 -17.79 -18.79
N LEU A 28 -7.28 -18.79 -18.73
CA LEU A 28 -8.55 -18.61 -18.03
C LEU A 28 -8.28 -18.33 -16.55
N LEU A 29 -7.32 -19.07 -15.97
CA LEU A 29 -6.97 -18.85 -14.57
C LEU A 29 -6.29 -17.50 -14.37
N TYR A 30 -5.44 -17.08 -15.30
CA TYR A 30 -4.88 -15.74 -15.19
C TYR A 30 -5.98 -14.68 -15.21
N LEU A 31 -6.97 -14.86 -16.07
CA LEU A 31 -8.08 -13.90 -16.10
C LEU A 31 -8.82 -13.88 -14.78
N GLY A 32 -9.06 -15.06 -14.19
CA GLY A 32 -9.75 -15.10 -12.92
C GLY A 32 -8.99 -14.38 -11.82
N HIS A 33 -7.70 -14.68 -11.70
CA HIS A 33 -6.90 -14.00 -10.69
C HIS A 33 -6.82 -12.51 -10.96
N SER A 34 -6.77 -12.11 -12.24
CA SER A 34 -6.67 -10.70 -12.59
C SER A 34 -7.92 -9.95 -12.16
N LEU A 35 -9.10 -10.48 -12.50
CA LEU A 35 -10.33 -9.81 -12.08
C LEU A 35 -10.49 -9.79 -10.57
N SER A 36 -10.13 -10.88 -9.89
CA SER A 36 -10.21 -10.89 -8.44
C SER A 36 -9.31 -9.82 -7.82
N THR A 37 -8.07 -9.74 -8.31
CA THR A 37 -7.14 -8.74 -7.80
C THR A 37 -7.62 -7.33 -8.12
N TRP A 38 -8.23 -7.14 -9.28
CA TRP A 38 -8.71 -5.81 -9.66
C TRP A 38 -9.83 -5.36 -8.73
N GLY A 39 -10.78 -6.26 -8.47
CA GLY A 39 -11.83 -5.95 -7.51
C GLY A 39 -11.27 -5.67 -6.13
N ASP A 40 -10.31 -6.48 -5.68
CA ASP A 40 -9.74 -6.31 -4.35
C ASP A 40 -9.02 -4.97 -4.24
N ARG A 41 -8.29 -4.58 -5.29
CA ARG A 41 -7.53 -3.33 -5.22
C ARG A 41 -8.45 -2.12 -5.27
N MET A 42 -9.48 -2.15 -6.13
CA MET A 42 -10.50 -1.10 -6.04
C MET A 42 -11.06 -1.02 -4.63
N TRP A 43 -11.35 -2.19 -4.04
CA TRP A 43 -11.93 -2.26 -2.71
C TRP A 43 -11.03 -1.58 -1.68
N HIS A 44 -9.73 -1.90 -1.71
CA HIS A 44 -8.82 -1.34 -0.72
C HIS A 44 -8.66 0.16 -0.92
N PHE A 45 -8.58 0.61 -2.17
CA PHE A 45 -8.46 2.05 -2.40
C PHE A 45 -9.70 2.78 -1.91
N ALA A 46 -10.88 2.21 -2.12
CA ALA A 46 -12.10 2.83 -1.63
C ALA A 46 -12.11 2.89 -0.11
N VAL A 47 -11.64 1.82 0.55
CA VAL A 47 -11.58 1.83 2.00
C VAL A 47 -10.67 2.95 2.49
N SER A 48 -9.52 3.12 1.84
CA SER A 48 -8.61 4.20 2.23
C SER A 48 -9.24 5.58 1.99
N VAL A 49 -9.94 5.75 0.87
CA VAL A 49 -10.60 7.02 0.61
C VAL A 49 -11.63 7.32 1.67
N PHE A 50 -12.39 6.30 2.10
CA PHE A 50 -13.31 6.48 3.22
C PHE A 50 -12.55 6.93 4.45
N LEU A 51 -11.47 6.21 4.79
CA LEU A 51 -10.75 6.48 6.03
C LEU A 51 -10.21 7.91 6.06
N VAL A 52 -9.83 8.44 4.91
CA VAL A 52 -9.19 9.75 4.91
C VAL A 52 -10.19 10.88 4.71
N GLU A 53 -11.19 10.70 3.84
CA GLU A 53 -12.17 11.75 3.62
C GLU A 53 -12.99 12.02 4.87
N LEU A 54 -13.44 10.97 5.55
CA LEU A 54 -14.24 11.17 6.75
C LEU A 54 -13.36 11.50 7.96
N TYR A 55 -12.48 10.59 8.33
CA TYR A 55 -11.57 10.81 9.43
C TYR A 55 -10.31 11.51 8.93
N GLY A 56 -9.79 12.43 9.73
CA GLY A 56 -8.54 13.08 9.40
C GLY A 56 -7.41 12.08 9.27
N ASN A 57 -6.27 12.58 8.81
CA ASN A 57 -5.08 11.74 8.65
C ASN A 57 -4.58 11.40 10.05
N SER A 58 -5.22 10.39 10.65
CA SER A 58 -4.94 9.98 12.01
C SER A 58 -4.23 8.63 11.98
N LEU A 59 -3.13 8.53 12.73
CA LEU A 59 -2.34 7.31 12.70
C LEU A 59 -3.08 6.15 13.34
N LEU A 60 -3.86 6.41 14.39
CA LEU A 60 -4.42 5.32 15.18
C LEU A 60 -5.57 4.63 14.46
N LEU A 61 -6.33 5.36 13.64
CA LEU A 61 -7.40 4.70 12.89
C LEU A 61 -6.85 3.63 11.95
N THR A 62 -5.88 4.00 11.12
CA THR A 62 -5.26 3.02 10.24
C THR A 62 -4.53 1.96 11.04
N ALA A 63 -3.94 2.34 12.17
CA ALA A 63 -3.25 1.37 13.00
C ALA A 63 -4.19 0.30 13.52
N VAL A 64 -5.36 0.70 14.03
CA VAL A 64 -6.29 -0.29 14.57
C VAL A 64 -6.91 -1.10 13.45
N TYR A 65 -7.14 -0.48 12.28
CA TYR A 65 -7.59 -1.24 11.12
C TYR A 65 -6.63 -2.37 10.79
N GLY A 66 -5.35 -2.04 10.64
CA GLY A 66 -4.35 -3.06 10.36
C GLY A 66 -4.24 -4.08 11.46
N LEU A 67 -4.33 -3.63 12.72
CA LEU A 67 -4.22 -4.54 13.84
C LEU A 67 -5.36 -5.55 13.85
N VAL A 68 -6.59 -5.09 13.62
CA VAL A 68 -7.73 -6.00 13.61
C VAL A 68 -7.60 -7.00 12.48
N VAL A 69 -7.27 -6.53 11.27
CA VAL A 69 -7.15 -7.44 10.14
C VAL A 69 -6.06 -8.47 10.40
N ALA A 70 -4.89 -8.01 10.84
CA ALA A 70 -3.76 -8.91 11.06
C ALA A 70 -4.05 -9.91 12.17
N GLY A 71 -4.66 -9.46 13.27
CA GLY A 71 -4.96 -10.37 14.36
C GLY A 71 -5.98 -11.43 13.97
N SER A 72 -7.03 -11.03 13.25
CA SER A 72 -8.03 -12.00 12.85
C SER A 72 -7.44 -13.03 11.89
N VAL A 73 -6.66 -12.58 10.90
CA VAL A 73 -6.08 -13.57 9.99
C VAL A 73 -5.05 -14.42 10.73
N LEU A 74 -4.35 -13.84 11.71
CA LEU A 74 -3.41 -14.61 12.53
C LEU A 74 -4.13 -15.74 13.24
N VAL A 75 -5.23 -15.43 13.92
CA VAL A 75 -5.91 -16.45 14.72
C VAL A 75 -6.70 -17.42 13.85
N LEU A 76 -7.06 -17.03 12.63
CA LEU A 76 -7.93 -17.86 11.80
C LEU A 76 -7.21 -18.52 10.61
N GLY A 77 -5.91 -18.29 10.45
CA GLY A 77 -5.21 -18.88 9.31
C GLY A 77 -5.21 -20.39 9.33
N ALA A 78 -4.95 -20.99 10.50
CA ALA A 78 -4.91 -22.44 10.58
C ALA A 78 -6.25 -23.07 10.25
N ILE A 79 -7.33 -22.51 10.80
CA ILE A 79 -8.65 -23.08 10.53
C ILE A 79 -9.05 -22.85 9.08
N ILE A 80 -8.70 -21.69 8.51
CA ILE A 80 -8.98 -21.44 7.10
C ILE A 80 -8.25 -22.46 6.23
N GLY A 81 -6.97 -22.71 6.51
CA GLY A 81 -6.23 -23.70 5.74
C GLY A 81 -6.79 -25.09 5.90
N ASP A 82 -7.19 -25.45 7.13
CA ASP A 82 -7.76 -26.76 7.37
C ASP A 82 -9.06 -26.94 6.58
N TRP A 83 -9.92 -25.91 6.59
CA TRP A 83 -11.16 -25.97 5.85
C TRP A 83 -10.91 -26.04 4.35
N VAL A 84 -9.88 -25.34 3.87
CA VAL A 84 -9.53 -25.43 2.45
C VAL A 84 -9.07 -26.84 2.09
N ASP A 85 -8.25 -27.44 2.96
CA ASP A 85 -7.69 -28.75 2.64
C ASP A 85 -8.76 -29.85 2.73
N LYS A 86 -9.65 -29.76 3.72
CA LYS A 86 -10.55 -30.88 3.99
C LYS A 86 -11.64 -31.01 2.94
N ASN A 87 -12.20 -29.90 2.48
CA ASN A 87 -13.30 -29.94 1.54
C ASN A 87 -12.77 -30.00 0.10
N ALA A 88 -13.69 -30.21 -0.84
CA ALA A 88 -13.32 -30.28 -2.24
C ALA A 88 -12.81 -28.93 -2.73
N ARG A 89 -11.85 -28.98 -3.67
CA ARG A 89 -11.24 -27.77 -4.19
C ARG A 89 -12.28 -26.88 -4.85
N LEU A 90 -13.17 -27.48 -5.64
CA LEU A 90 -14.21 -26.74 -6.33
C LEU A 90 -15.05 -25.94 -5.33
N LYS A 91 -15.67 -26.65 -4.39
CA LYS A 91 -16.63 -26.06 -3.47
C LYS A 91 -16.00 -24.96 -2.64
N VAL A 92 -14.81 -25.19 -2.10
CA VAL A 92 -14.16 -24.17 -1.28
C VAL A 92 -13.80 -22.97 -2.15
N ALA A 93 -13.43 -23.21 -3.42
CA ALA A 93 -13.10 -22.11 -4.30
C ALA A 93 -14.28 -21.16 -4.47
N GLN A 94 -15.44 -21.69 -4.89
CA GLN A 94 -16.56 -20.75 -5.05
C GLN A 94 -17.11 -20.28 -3.72
N THR A 95 -16.98 -21.05 -2.64
CA THR A 95 -17.43 -20.55 -1.34
C THR A 95 -16.66 -19.31 -0.94
N SER A 96 -15.32 -19.38 -1.02
CA SER A 96 -14.49 -18.22 -0.72
C SER A 96 -14.80 -17.06 -1.67
N LEU A 97 -14.94 -17.37 -2.97
CA LEU A 97 -15.20 -16.32 -3.94
C LEU A 97 -16.50 -15.59 -3.63
N VAL A 98 -17.57 -16.35 -3.41
CA VAL A 98 -18.87 -15.75 -3.17
C VAL A 98 -18.88 -14.97 -1.87
N VAL A 99 -18.28 -15.50 -0.80
CA VAL A 99 -18.30 -14.76 0.46
C VAL A 99 -17.52 -13.46 0.32
N GLN A 100 -16.35 -13.50 -0.35
CA GLN A 100 -15.59 -12.28 -0.57
C GLN A 100 -16.40 -11.26 -1.34
N ASN A 101 -17.06 -11.69 -2.42
CA ASN A 101 -17.76 -10.75 -3.27
C ASN A 101 -19.00 -10.19 -2.59
N VAL A 102 -19.75 -11.02 -1.86
CA VAL A 102 -20.93 -10.49 -1.19
C VAL A 102 -20.53 -9.51 -0.09
N SER A 103 -19.44 -9.82 0.63
CA SER A 103 -18.96 -8.89 1.65
C SER A 103 -18.56 -7.56 1.02
N VAL A 104 -17.82 -7.61 -0.09
CA VAL A 104 -17.35 -6.37 -0.69
C VAL A 104 -18.52 -5.58 -1.28
N ILE A 105 -19.54 -6.25 -1.81
CA ILE A 105 -20.70 -5.55 -2.35
C ILE A 105 -21.49 -4.88 -1.23
N LEU A 106 -21.73 -5.61 -0.14
CA LEU A 106 -22.43 -5.02 0.99
C LEU A 106 -21.68 -3.82 1.52
N CYS A 107 -20.36 -3.93 1.64
CA CYS A 107 -19.59 -2.81 2.15
C CYS A 107 -19.57 -1.64 1.16
N GLY A 108 -19.57 -1.93 -0.13
CA GLY A 108 -19.66 -0.85 -1.11
C GLY A 108 -20.99 -0.12 -1.02
N ILE A 109 -22.06 -0.86 -0.72
CA ILE A 109 -23.34 -0.20 -0.44
C ILE A 109 -23.23 0.69 0.79
N ILE A 110 -22.56 0.20 1.83
CA ILE A 110 -22.36 1.01 3.03
C ILE A 110 -21.58 2.28 2.69
N LEU A 111 -20.55 2.15 1.84
CA LEU A 111 -19.80 3.32 1.39
C LEU A 111 -20.69 4.29 0.62
N MET A 112 -21.57 3.76 -0.23
CA MET A 112 -22.54 4.62 -0.91
C MET A 112 -23.33 5.43 0.08
N MET A 113 -23.89 4.78 1.11
CA MET A 113 -24.70 5.51 2.09
C MET A 113 -23.87 6.53 2.85
N VAL A 114 -22.66 6.15 3.28
CA VAL A 114 -21.89 7.06 4.13
C VAL A 114 -21.39 8.26 3.34
N PHE A 115 -20.90 8.03 2.11
CA PHE A 115 -20.47 9.15 1.29
C PHE A 115 -21.63 10.03 0.89
N LEU A 116 -22.81 9.46 0.69
CA LEU A 116 -23.96 10.32 0.42
C LEU A 116 -24.40 11.07 1.67
N HIS A 117 -23.86 10.72 2.84
CA HIS A 117 -24.17 11.38 4.10
C HIS A 117 -22.93 12.03 4.73
N LYS A 118 -21.91 12.35 3.94
CA LYS A 118 -20.63 12.76 4.51
C LYS A 118 -20.78 14.03 5.36
N HIS A 119 -21.41 15.07 4.80
CA HIS A 119 -21.46 16.37 5.47
C HIS A 119 -22.22 16.29 6.79
N GLU A 120 -23.45 15.79 6.75
CA GLU A 120 -24.26 15.77 7.96
C GLU A 120 -23.78 14.73 8.97
N LEU A 121 -23.15 13.64 8.51
CA LEU A 121 -22.50 12.75 9.47
C LEU A 121 -21.36 13.47 10.19
N LEU A 122 -20.60 14.29 9.46
CA LEU A 122 -19.54 15.07 10.10
C LEU A 122 -20.12 16.14 11.02
N THR A 123 -21.30 16.67 10.71
CA THR A 123 -21.77 17.90 11.34
C THR A 123 -22.97 17.72 12.26
N MET A 124 -24.14 17.34 11.74
CA MET A 124 -25.37 17.53 12.50
C MET A 124 -25.41 16.62 13.71
N TYR A 125 -25.21 15.32 13.51
CA TYR A 125 -25.46 14.31 14.54
C TYR A 125 -24.14 13.68 14.94
N HIS A 126 -23.49 14.25 15.95
CA HIS A 126 -22.23 13.72 16.44
C HIS A 126 -22.49 12.60 17.43
N GLY A 127 -21.45 12.10 18.06
CA GLY A 127 -21.61 11.01 19.01
C GLY A 127 -21.03 9.70 18.54
N TRP A 128 -21.84 8.64 18.55
CA TRP A 128 -21.36 7.30 18.26
C TRP A 128 -21.56 6.88 16.81
N VAL A 129 -22.05 7.76 15.94
CA VAL A 129 -22.29 7.35 14.56
C VAL A 129 -20.97 7.06 13.85
N LEU A 130 -19.95 7.88 14.09
CA LEU A 130 -18.64 7.64 13.49
C LEU A 130 -18.03 6.35 14.02
N THR A 131 -18.16 6.11 15.32
CA THR A 131 -17.64 4.88 15.89
C THR A 131 -18.35 3.66 15.32
N SER A 132 -19.67 3.74 15.18
CA SER A 132 -20.43 2.62 14.65
C SER A 132 -20.06 2.33 13.20
N CYS A 133 -19.99 3.37 12.36
CA CYS A 133 -19.64 3.12 10.96
C CYS A 133 -18.22 2.59 10.84
N TYR A 134 -17.30 3.06 11.70
CA TYR A 134 -15.94 2.57 11.60
C TYR A 134 -15.82 1.12 12.08
N ILE A 135 -16.56 0.74 13.13
CA ILE A 135 -16.56 -0.66 13.53
C ILE A 135 -17.15 -1.53 12.43
N LEU A 136 -18.22 -1.06 11.80
CA LEU A 136 -18.82 -1.83 10.71
C LEU A 136 -17.84 -1.97 9.55
N ILE A 137 -17.16 -0.87 9.18
CA ILE A 137 -16.24 -0.91 8.05
C ILE A 137 -15.09 -1.87 8.34
N ILE A 138 -14.54 -1.82 9.55
CA ILE A 138 -13.39 -2.66 9.85
C ILE A 138 -13.80 -4.13 9.93
N THR A 139 -14.98 -4.41 10.50
CA THR A 139 -15.42 -5.80 10.60
C THR A 139 -15.69 -6.39 9.21
N ILE A 140 -16.40 -5.65 8.36
CA ILE A 140 -16.70 -6.21 7.04
C ILE A 140 -15.45 -6.28 6.18
N ALA A 141 -14.54 -5.32 6.33
CA ALA A 141 -13.25 -5.40 5.62
C ALA A 141 -12.45 -6.59 6.10
N ASN A 142 -12.50 -6.89 7.40
CA ASN A 142 -11.77 -8.02 7.94
C ASN A 142 -12.33 -9.32 7.40
N ILE A 143 -13.65 -9.43 7.30
CA ILE A 143 -14.25 -10.61 6.68
C ILE A 143 -13.83 -10.72 5.23
N ALA A 144 -13.84 -9.59 4.50
CA ALA A 144 -13.43 -9.62 3.10
C ALA A 144 -11.98 -10.05 2.95
N ASN A 145 -11.10 -9.55 3.81
CA ASN A 145 -9.69 -9.91 3.72
C ASN A 145 -9.46 -11.36 4.11
N LEU A 146 -10.23 -11.88 5.07
CA LEU A 146 -10.16 -13.30 5.40
C LEU A 146 -10.57 -14.15 4.20
N ALA A 147 -11.66 -13.77 3.52
CA ALA A 147 -12.08 -14.49 2.34
C ALA A 147 -11.03 -14.39 1.24
N SER A 148 -10.41 -13.22 1.09
CA SER A 148 -9.36 -13.05 0.11
C SER A 148 -8.16 -13.96 0.41
N THR A 149 -7.79 -14.06 1.69
CA THR A 149 -6.71 -14.96 2.07
C THR A 149 -7.07 -16.40 1.74
N ALA A 150 -8.29 -16.81 2.06
CA ALA A 150 -8.72 -18.18 1.79
C ALA A 150 -8.67 -18.49 0.30
N THR A 151 -9.27 -17.61 -0.52
CA THR A 151 -9.29 -17.85 -1.95
C THR A 151 -7.90 -17.81 -2.54
N ALA A 152 -7.05 -16.88 -2.08
CA ALA A 152 -5.69 -16.81 -2.58
C ALA A 152 -4.95 -18.11 -2.31
N ILE A 153 -4.98 -18.57 -1.05
CA ILE A 153 -4.36 -19.85 -0.71
C ILE A 153 -4.86 -20.94 -1.64
N THR A 154 -6.16 -21.20 -1.63
CA THR A 154 -6.67 -22.35 -2.37
C THR A 154 -6.33 -22.25 -3.86
N ILE A 155 -6.71 -21.15 -4.51
CA ILE A 155 -6.53 -21.08 -5.96
C ILE A 155 -5.05 -21.13 -6.31
N GLN A 156 -4.25 -20.20 -5.76
CA GLN A 156 -2.84 -20.16 -6.12
C GLN A 156 -2.20 -21.51 -5.84
N ARG A 157 -2.09 -21.89 -4.56
CA ARG A 157 -1.34 -23.10 -4.26
C ARG A 157 -1.91 -24.30 -5.02
N ASP A 158 -3.13 -24.73 -4.68
CA ASP A 158 -3.61 -26.00 -5.20
C ASP A 158 -3.79 -25.95 -6.72
N TRP A 159 -4.53 -24.96 -7.21
CA TRP A 159 -4.89 -24.99 -8.62
C TRP A 159 -3.67 -24.74 -9.49
N ILE A 160 -2.79 -23.82 -9.09
CA ILE A 160 -1.59 -23.57 -9.88
C ILE A 160 -0.71 -24.82 -9.91
N VAL A 161 -0.51 -25.49 -8.77
CA VAL A 161 0.38 -26.65 -8.79
C VAL A 161 -0.22 -27.78 -9.61
N VAL A 162 -1.54 -27.98 -9.53
CA VAL A 162 -2.15 -29.09 -10.26
C VAL A 162 -2.16 -28.80 -11.76
N VAL A 163 -2.54 -27.58 -12.16
CA VAL A 163 -2.58 -27.24 -13.57
C VAL A 163 -1.17 -27.26 -14.17
N ALA A 164 -0.20 -26.71 -13.45
CA ALA A 164 1.18 -26.75 -13.93
C ALA A 164 1.73 -28.16 -13.95
N GLY A 165 1.22 -29.04 -13.08
CA GLY A 165 1.69 -30.41 -13.05
C GLY A 165 3.14 -30.50 -12.59
N GLU A 166 3.84 -31.50 -13.13
CA GLU A 166 5.23 -31.75 -12.78
C GLU A 166 6.21 -30.90 -13.57
N ASP A 167 5.74 -30.09 -14.52
CA ASP A 167 6.62 -29.20 -15.29
C ASP A 167 6.89 -27.97 -14.44
N ARG A 168 8.08 -27.92 -13.84
CA ARG A 168 8.36 -26.88 -12.85
C ARG A 168 8.62 -25.54 -13.49
N SER A 169 9.15 -25.52 -14.72
CA SER A 169 9.32 -24.26 -15.44
C SER A 169 7.98 -23.59 -15.69
N LYS A 170 6.97 -24.38 -16.09
CA LYS A 170 5.64 -23.83 -16.27
C LYS A 170 5.08 -23.31 -14.95
N LEU A 171 5.35 -24.01 -13.86
CA LEU A 171 4.92 -23.54 -12.54
C LEU A 171 5.56 -22.20 -12.18
N ALA A 172 6.86 -22.06 -12.46
CA ALA A 172 7.55 -20.80 -12.20
C ALA A 172 6.98 -19.67 -13.04
N ASN A 173 6.71 -19.95 -14.33
CA ASN A 173 6.07 -18.94 -15.18
C ASN A 173 4.70 -18.57 -14.63
N MET A 174 3.94 -19.56 -14.15
CA MET A 174 2.63 -19.30 -13.57
C MET A 174 2.76 -18.30 -12.42
N ASN A 175 3.65 -18.60 -11.47
CA ASN A 175 3.80 -17.73 -10.30
C ASN A 175 4.26 -16.35 -10.71
N ALA A 176 5.23 -16.27 -11.63
CA ALA A 176 5.78 -14.98 -12.01
C ALA A 176 4.75 -14.12 -12.70
N THR A 177 3.96 -14.71 -13.62
CA THR A 177 2.96 -13.91 -14.30
C THR A 177 1.83 -13.53 -13.36
N ILE A 178 1.49 -14.40 -12.40
CA ILE A 178 0.51 -14.04 -11.38
C ILE A 178 0.99 -12.81 -10.61
N ARG A 179 2.27 -12.80 -10.22
CA ARG A 179 2.78 -11.67 -9.46
C ARG A 179 2.84 -10.40 -10.32
N ARG A 180 3.16 -10.56 -11.61
CA ARG A 180 3.14 -9.41 -12.52
C ARG A 180 1.73 -8.81 -12.62
N ILE A 181 0.72 -9.68 -12.76
CA ILE A 181 -0.66 -9.20 -12.81
C ILE A 181 -1.02 -8.50 -11.50
N ASP A 182 -0.59 -9.07 -10.38
CA ASP A 182 -0.87 -8.46 -9.08
C ASP A 182 -0.29 -7.05 -9.03
N GLN A 183 0.96 -6.88 -9.46
CA GLN A 183 1.60 -5.58 -9.40
C GLN A 183 0.95 -4.58 -10.36
N LEU A 184 0.67 -5.01 -11.58
CA LEU A 184 0.05 -4.11 -12.55
C LEU A 184 -1.33 -3.67 -12.06
N THR A 185 -2.08 -4.59 -11.44
CA THR A 185 -3.35 -4.22 -10.82
C THR A 185 -3.13 -3.23 -9.68
N ASN A 186 -2.17 -3.49 -8.81
CA ASN A 186 -1.94 -2.64 -7.66
C ASN A 186 -1.55 -1.23 -8.08
N ILE A 187 -0.95 -1.07 -9.25
CA ILE A 187 -0.58 0.26 -9.69
C ILE A 187 -1.66 0.91 -10.57
N LEU A 188 -2.50 0.12 -11.23
CA LEU A 188 -3.50 0.71 -12.13
C LEU A 188 -4.83 0.97 -11.44
N ALA A 189 -5.35 -0.02 -10.71
CA ALA A 189 -6.68 0.10 -10.09
C ALA A 189 -6.84 1.34 -9.22
N PRO A 190 -5.90 1.69 -8.34
CA PRO A 190 -6.06 2.96 -7.61
C PRO A 190 -6.18 4.16 -8.53
N MET A 191 -5.40 4.17 -9.62
CA MET A 191 -5.50 5.28 -10.57
C MET A 191 -6.88 5.34 -11.19
N ALA A 192 -7.42 4.19 -11.61
CA ALA A 192 -8.73 4.17 -12.22
C ALA A 192 -9.81 4.63 -11.25
N VAL A 193 -9.76 4.14 -10.01
CA VAL A 193 -10.77 4.53 -9.03
C VAL A 193 -10.68 6.01 -8.73
N GLY A 194 -9.46 6.54 -8.57
CA GLY A 194 -9.31 7.96 -8.33
C GLY A 194 -9.81 8.80 -9.49
N GLN A 195 -9.49 8.39 -10.72
CA GLN A 195 -9.94 9.14 -11.89
C GLN A 195 -11.46 9.17 -11.99
N ILE A 196 -12.10 8.01 -11.83
CA ILE A 196 -13.56 7.99 -11.96
C ILE A 196 -14.20 8.75 -10.81
N MET A 197 -13.65 8.62 -9.60
CA MET A 197 -14.22 9.30 -8.45
C MET A 197 -14.14 10.80 -8.62
N THR A 198 -12.98 11.30 -9.07
CA THR A 198 -12.82 12.74 -9.30
C THR A 198 -13.73 13.23 -10.41
N PHE A 199 -13.84 12.47 -11.51
CA PHE A 199 -14.68 12.91 -12.63
C PHE A 199 -16.14 12.94 -12.22
N GLY A 200 -16.55 12.04 -11.34
CA GLY A 200 -17.92 12.00 -10.84
C GLY A 200 -18.04 12.53 -9.42
N SER A 201 -17.99 11.61 -8.46
CA SER A 201 -18.25 11.83 -7.05
C SER A 201 -17.93 10.54 -6.31
N PRO A 202 -17.61 10.59 -5.01
CA PRO A 202 -17.33 9.36 -4.27
C PRO A 202 -18.50 8.39 -4.27
N VAL A 203 -19.73 8.89 -4.25
CA VAL A 203 -20.89 8.01 -4.29
C VAL A 203 -20.94 7.25 -5.63
N ILE A 204 -20.65 7.95 -6.73
CA ILE A 204 -20.60 7.30 -8.03
C ILE A 204 -19.48 6.27 -8.06
N GLY A 205 -18.32 6.60 -7.49
CA GLY A 205 -17.23 5.65 -7.43
C GLY A 205 -17.62 4.38 -6.68
N CYS A 206 -18.31 4.54 -5.56
CA CYS A 206 -18.73 3.38 -4.76
C CYS A 206 -19.80 2.57 -5.46
N GLY A 207 -20.75 3.23 -6.14
CA GLY A 207 -21.71 2.49 -6.93
C GLY A 207 -21.05 1.68 -8.02
N PHE A 208 -20.06 2.28 -8.71
CA PHE A 208 -19.35 1.58 -9.76
C PHE A 208 -18.56 0.40 -9.20
N ILE A 209 -17.92 0.59 -8.03
CA ILE A 209 -17.14 -0.51 -7.45
C ILE A 209 -18.06 -1.66 -7.07
N SER A 210 -19.23 -1.36 -6.49
CA SER A 210 -20.16 -2.41 -6.12
C SER A 210 -20.63 -3.17 -7.35
N GLY A 211 -21.01 -2.44 -8.40
CA GLY A 211 -21.45 -3.12 -9.62
C GLY A 211 -20.35 -3.95 -10.25
N TRP A 212 -19.11 -3.45 -10.24
CA TRP A 212 -18.02 -4.19 -10.83
C TRP A 212 -17.71 -5.45 -10.03
N ASN A 213 -17.78 -5.37 -8.70
CA ASN A 213 -17.60 -6.58 -7.90
C ASN A 213 -18.70 -7.60 -8.19
N LEU A 214 -19.94 -7.13 -8.37
CA LEU A 214 -21.02 -8.07 -8.70
C LEU A 214 -20.76 -8.77 -10.02
N VAL A 215 -20.45 -7.99 -11.07
CA VAL A 215 -20.27 -8.60 -12.39
C VAL A 215 -19.04 -9.50 -12.40
N SER A 216 -17.97 -9.10 -11.70
CA SER A 216 -16.79 -9.95 -11.60
C SER A 216 -17.07 -11.22 -10.83
N MET A 217 -17.94 -11.15 -9.81
CA MET A 217 -18.35 -12.36 -9.11
C MET A 217 -19.00 -13.34 -10.07
N CYS A 218 -19.95 -12.85 -10.87
CA CYS A 218 -20.63 -13.73 -11.82
C CYS A 218 -19.62 -14.32 -12.81
N VAL A 219 -18.77 -13.46 -13.37
CA VAL A 219 -17.81 -13.90 -14.38
C VAL A 219 -16.85 -14.94 -13.80
N GLU A 220 -16.36 -14.71 -12.58
CA GLU A 220 -15.40 -15.62 -11.98
C GLU A 220 -16.04 -16.92 -11.51
N TYR A 221 -17.31 -16.88 -11.12
CA TYR A 221 -18.02 -18.14 -10.87
C TYR A 221 -18.07 -18.98 -12.15
N VAL A 222 -18.51 -18.38 -13.25
CA VAL A 222 -18.54 -19.12 -14.52
C VAL A 222 -17.13 -19.57 -14.91
N LEU A 223 -16.14 -18.74 -14.61
CA LEU A 223 -14.78 -19.00 -15.04
C LEU A 223 -14.15 -20.15 -14.25
N LEU A 224 -14.39 -20.19 -12.94
CA LEU A 224 -13.93 -21.33 -12.14
C LEU A 224 -14.63 -22.60 -12.57
N TRP A 225 -15.93 -22.51 -12.87
CA TRP A 225 -16.62 -23.70 -13.38
C TRP A 225 -15.99 -24.19 -14.68
N LYS A 226 -15.62 -23.26 -15.56
CA LYS A 226 -15.00 -23.65 -16.83
C LYS A 226 -13.63 -24.28 -16.60
N VAL A 227 -12.78 -23.63 -15.80
CA VAL A 227 -11.42 -24.12 -15.62
C VAL A 227 -11.41 -25.45 -14.88
N TYR A 228 -12.38 -25.68 -13.99
CA TYR A 228 -12.49 -26.97 -13.33
C TYR A 228 -12.71 -28.08 -14.35
N GLN A 229 -13.53 -27.81 -15.37
CA GLN A 229 -13.86 -28.83 -16.36
C GLN A 229 -12.64 -29.26 -17.15
N LYS A 230 -11.77 -28.30 -17.51
CA LYS A 230 -10.66 -28.58 -18.41
C LYS A 230 -9.47 -29.23 -17.71
N THR A 231 -9.47 -29.30 -16.39
CA THR A 231 -8.36 -29.90 -15.62
C THR A 231 -8.93 -31.00 -14.74
N PRO A 232 -9.02 -32.23 -15.25
CA PRO A 232 -9.60 -33.32 -14.45
C PRO A 232 -8.82 -33.64 -13.19
N ALA A 233 -7.53 -33.31 -13.13
CA ALA A 233 -6.70 -33.71 -12.01
C ALA A 233 -7.13 -33.08 -10.69
N LEU A 234 -7.85 -31.96 -10.73
CA LEU A 234 -8.33 -31.35 -9.50
C LEU A 234 -9.34 -32.23 -8.77
N ALA A 235 -10.09 -33.05 -9.52
CA ALA A 235 -11.16 -33.83 -8.91
C ALA A 235 -10.62 -34.96 -8.04
N VAL A 236 -9.47 -35.53 -8.39
CA VAL A 236 -8.95 -36.68 -7.66
C VAL A 236 -8.64 -36.31 -6.21
N LYS A 237 -7.89 -35.22 -6.03
CA LYS A 237 -7.47 -34.73 -4.71
C LYS A 237 -6.62 -35.76 -3.95
N SER A 287 -18.09 -25.48 26.46
CA SER A 287 -17.19 -25.02 25.41
C SER A 287 -17.09 -26.06 24.29
N GLN A 288 -17.75 -25.77 23.18
CA GLN A 288 -17.73 -26.64 21.99
C GLN A 288 -16.56 -26.32 21.07
N MET A 289 -15.72 -25.35 21.46
CA MET A 289 -14.64 -24.84 20.58
C MET A 289 -13.31 -25.59 20.78
N ALA A 290 -13.35 -26.82 21.27
CA ALA A 290 -12.13 -27.61 21.38
C ALA A 290 -11.49 -27.86 20.02
N GLU A 291 -12.31 -28.19 19.00
CA GLU A 291 -11.71 -28.57 17.73
C GLU A 291 -11.01 -27.43 16.98
N PRO A 292 -11.43 -26.16 17.07
CA PRO A 292 -10.58 -25.11 16.52
C PRO A 292 -9.17 -25.13 17.08
N PHE A 293 -9.03 -25.28 18.40
CA PHE A 293 -7.69 -25.31 18.99
C PHE A 293 -6.93 -26.58 18.62
N ARG A 294 -7.60 -27.74 18.56
CA ARG A 294 -6.86 -28.94 18.19
C ARG A 294 -6.33 -28.81 16.76
N THR A 295 -7.16 -28.29 15.85
CA THR A 295 -6.72 -28.09 14.47
C THR A 295 -5.61 -27.06 14.39
N PHE A 296 -5.73 -25.97 15.15
CA PHE A 296 -4.70 -24.93 15.15
C PHE A 296 -3.35 -25.48 15.62
N ARG A 297 -3.37 -26.22 16.75
CA ARG A 297 -2.14 -26.79 17.27
C ARG A 297 -1.55 -27.81 16.31
N ASP A 298 -2.39 -28.68 15.74
CA ASP A 298 -1.90 -29.67 14.80
C ASP A 298 -1.27 -29.02 13.58
N GLY A 299 -1.92 -27.98 13.04
CA GLY A 299 -1.36 -27.29 11.89
C GLY A 299 -0.02 -26.63 12.21
N TRP A 300 0.08 -25.97 13.36
CA TRP A 300 1.32 -25.31 13.70
C TRP A 300 2.45 -26.31 13.93
N VAL A 301 2.18 -27.41 14.62
CA VAL A 301 3.25 -28.38 14.86
C VAL A 301 3.65 -29.05 13.56
N SER A 302 2.69 -29.29 12.66
CA SER A 302 3.02 -29.83 11.35
C SER A 302 3.89 -28.87 10.57
N TYR A 303 3.58 -27.57 10.64
CA TYR A 303 4.40 -26.58 9.96
C TYR A 303 5.81 -26.55 10.53
N TYR A 304 5.94 -26.69 11.85
CA TYR A 304 7.26 -26.67 12.47
C TYR A 304 8.10 -27.86 11.99
N ASN A 305 7.49 -29.03 11.84
CA ASN A 305 8.20 -30.20 11.38
C ASN A 305 8.54 -30.11 9.89
N GLN A 306 7.85 -29.26 9.15
CA GLN A 306 8.09 -29.15 7.72
C GLN A 306 9.51 -28.62 7.48
N PRO A 307 10.30 -29.29 6.64
CA PRO A 307 11.67 -28.82 6.41
C PRO A 307 11.77 -27.44 5.79
N VAL A 308 10.68 -26.92 5.22
CA VAL A 308 10.67 -25.59 4.62
C VAL A 308 10.32 -24.53 5.67
N PHE A 309 10.35 -24.90 6.95
CA PHE A 309 9.98 -23.96 8.02
C PHE A 309 10.85 -22.71 8.00
N LEU A 310 12.16 -22.88 7.79
CA LEU A 310 13.06 -21.74 7.87
C LEU A 310 12.77 -20.69 6.80
N ALA A 311 12.46 -21.14 5.57
CA ALA A 311 12.19 -20.20 4.49
C ALA A 311 10.94 -19.38 4.78
N GLY A 312 9.87 -20.04 5.23
CA GLY A 312 8.67 -19.31 5.58
C GLY A 312 8.90 -18.36 6.74
N MET A 313 9.71 -18.79 7.71
CA MET A 313 10.02 -17.94 8.87
C MET A 313 10.75 -16.68 8.41
N GLY A 314 11.71 -16.84 7.50
CA GLY A 314 12.43 -15.70 6.97
C GLY A 314 11.56 -14.78 6.14
N LEU A 315 10.63 -15.35 5.37
CA LEU A 315 9.70 -14.53 4.62
C LEU A 315 8.80 -13.72 5.55
N ALA A 316 8.35 -14.35 6.64
CA ALA A 316 7.56 -13.62 7.62
C ALA A 316 8.37 -12.48 8.23
N PHE A 317 9.65 -12.72 8.51
CA PHE A 317 10.53 -11.62 8.92
C PHE A 317 10.60 -10.53 7.85
N LEU A 318 10.72 -10.92 6.59
CA LEU A 318 10.84 -9.93 5.52
C LEU A 318 9.61 -9.06 5.40
N TYR A 319 8.50 -9.57 5.94
CA TYR A 319 7.20 -8.84 5.85
C TYR A 319 7.05 -7.86 7.01
N MET A 320 8.09 -7.71 7.82
CA MET A 320 8.04 -6.71 8.89
C MET A 320 8.72 -5.40 8.51
N THR A 321 9.27 -5.31 7.30
CA THR A 321 9.97 -4.09 6.91
C THR A 321 9.04 -2.88 6.95
N VAL A 322 9.60 -1.74 7.32
CA VAL A 322 8.84 -0.49 7.35
C VAL A 322 9.03 0.31 6.07
N LEU A 323 10.08 0.05 5.30
CA LEU A 323 10.24 0.68 4.00
C LEU A 323 9.22 0.10 3.03
N GLY A 324 8.07 0.75 2.91
CA GLY A 324 6.96 0.18 2.17
C GLY A 324 6.81 0.71 0.76
N PHE A 325 5.88 1.65 0.57
CA PHE A 325 5.47 2.14 -0.74
C PHE A 325 4.84 1.04 -1.58
N ASP A 326 4.31 0.00 -0.91
CA ASP A 326 3.75 -1.17 -1.57
C ASP A 326 2.29 -0.97 -1.93
N CYS A 327 1.47 -0.60 -0.96
CA CYS A 327 0.05 -0.35 -1.18
C CYS A 327 -0.33 0.87 -0.36
N ILE A 328 -1.63 1.11 -0.23
CA ILE A 328 -2.12 2.29 0.46
C ILE A 328 -2.49 2.01 1.91
N THR A 329 -3.06 0.82 2.18
CA THR A 329 -3.36 0.44 3.55
C THR A 329 -2.08 0.29 4.37
N THR A 330 -0.99 -0.12 3.73
CA THR A 330 0.31 -0.25 4.38
C THR A 330 1.23 0.84 3.83
N GLY A 331 1.56 1.81 4.66
CA GLY A 331 2.48 2.86 4.26
C GLY A 331 2.86 3.73 5.44
N TYR A 332 4.11 4.17 5.51
CA TYR A 332 4.54 5.03 6.60
C TYR A 332 5.07 6.37 6.15
N ALA A 333 5.43 6.52 4.88
CA ALA A 333 5.69 7.86 4.36
C ALA A 333 4.46 8.73 4.50
N TYR A 334 3.28 8.17 4.18
CA TYR A 334 2.05 8.89 4.42
C TYR A 334 1.79 9.08 5.90
N THR A 335 2.21 8.11 6.73
CA THR A 335 2.14 8.27 8.18
C THR A 335 2.93 9.50 8.63
N GLN A 336 4.08 9.76 7.99
CA GLN A 336 4.80 11.00 8.27
C GLN A 336 4.09 12.20 7.64
N GLY A 337 3.63 12.07 6.40
CA GLY A 337 2.92 13.15 5.74
C GLY A 337 3.51 13.63 4.43
N LEU A 338 4.16 12.73 3.69
CA LEU A 338 4.76 13.10 2.41
C LEU A 338 3.68 13.46 1.38
N SER A 339 4.07 14.32 0.43
CA SER A 339 3.12 14.83 -0.56
C SER A 339 2.66 13.72 -1.50
N GLY A 340 1.45 13.90 -2.04
CA GLY A 340 0.81 12.85 -2.80
C GLY A 340 1.53 12.50 -4.09
N SER A 341 2.06 13.51 -4.79
CA SER A 341 2.75 13.24 -6.05
C SER A 341 3.96 12.34 -5.83
N ILE A 342 4.70 12.56 -4.75
CA ILE A 342 5.86 11.72 -4.46
C ILE A 342 5.42 10.28 -4.21
N LEU A 343 4.33 10.10 -3.46
CA LEU A 343 3.80 8.75 -3.24
C LEU A 343 3.42 8.09 -4.56
N SER A 344 2.78 8.84 -5.46
CA SER A 344 2.42 8.28 -6.76
C SER A 344 3.65 7.82 -7.52
N ILE A 345 4.69 8.66 -7.56
CA ILE A 345 5.91 8.31 -8.30
C ILE A 345 6.57 7.09 -7.67
N LEU A 346 6.63 7.05 -6.34
CA LEU A 346 7.25 5.92 -5.67
C LEU A 346 6.48 4.63 -5.91
N MET A 347 5.16 4.70 -5.91
CA MET A 347 4.36 3.50 -6.18
C MET A 347 4.56 3.01 -7.60
N GLY A 348 4.62 3.93 -8.56
CA GLY A 348 4.88 3.53 -9.93
C GLY A 348 6.24 2.87 -10.09
N ALA A 349 7.27 3.47 -9.48
CA ALA A 349 8.60 2.90 -9.54
C ALA A 349 8.64 1.53 -8.87
N SER A 350 7.96 1.39 -7.73
CA SER A 350 7.93 0.11 -7.04
C SER A 350 7.25 -0.96 -7.88
N ALA A 351 6.14 -0.62 -8.54
CA ALA A 351 5.45 -1.60 -9.38
C ALA A 351 6.33 -2.03 -10.55
N ILE A 352 6.95 -1.05 -11.23
CA ILE A 352 7.79 -1.39 -12.38
C ILE A 352 8.98 -2.25 -11.93
N THR A 353 9.58 -1.90 -10.81
CA THR A 353 10.73 -2.64 -10.32
C THR A 353 10.33 -4.04 -9.85
N GLY A 354 9.12 -4.19 -9.29
CA GLY A 354 8.65 -5.52 -8.94
C GLY A 354 8.40 -6.39 -10.16
N ILE A 355 7.85 -5.80 -11.22
CA ILE A 355 7.69 -6.57 -12.47
C ILE A 355 9.04 -7.02 -12.99
N MET A 356 10.00 -6.10 -13.03
CA MET A 356 11.34 -6.47 -13.48
C MET A 356 11.96 -7.52 -12.56
N GLY A 357 11.61 -7.49 -11.27
CA GLY A 357 12.09 -8.49 -10.35
C GLY A 357 11.51 -9.87 -10.61
N THR A 358 10.23 -9.93 -10.96
CA THR A 358 9.66 -11.20 -11.38
C THR A 358 10.39 -11.73 -12.61
N VAL A 359 10.67 -10.85 -13.56
CA VAL A 359 11.46 -11.26 -14.73
C VAL A 359 12.83 -11.79 -14.29
N ALA A 360 13.47 -11.10 -13.35
CA ALA A 360 14.78 -11.51 -12.87
C ALA A 360 14.73 -12.87 -12.20
N PHE A 361 13.69 -13.12 -11.40
CA PHE A 361 13.55 -14.42 -10.76
C PHE A 361 13.37 -15.52 -11.80
N THR A 362 12.56 -15.26 -12.83
CA THR A 362 12.42 -16.22 -13.91
C THR A 362 13.76 -16.52 -14.56
N TRP A 363 14.55 -15.48 -14.83
CA TRP A 363 15.83 -15.69 -15.48
C TRP A 363 16.79 -16.46 -14.58
N LEU A 364 16.79 -16.15 -13.28
CA LEU A 364 17.76 -16.76 -12.38
C LEU A 364 17.43 -18.22 -12.08
N ARG A 365 16.13 -18.56 -12.03
CA ARG A 365 15.77 -19.93 -11.71
C ARG A 365 16.27 -20.92 -12.75
N ARG A 366 16.35 -20.50 -14.02
CA ARG A 366 16.82 -21.41 -15.06
C ARG A 366 18.33 -21.61 -14.98
N LYS A 367 19.08 -20.54 -14.70
CA LYS A 367 20.54 -20.65 -14.70
C LYS A 367 21.03 -21.25 -13.39
N CYS A 368 20.75 -20.60 -12.27
CA CYS A 368 21.15 -21.13 -10.97
C CYS A 368 20.03 -21.99 -10.39
N GLY A 369 20.34 -22.66 -9.29
CA GLY A 369 19.35 -23.44 -8.59
C GLY A 369 18.29 -22.57 -7.94
N LEU A 370 17.16 -23.21 -7.61
CA LEU A 370 16.06 -22.48 -6.99
C LEU A 370 16.49 -21.88 -5.65
N VAL A 371 17.13 -22.69 -4.80
CA VAL A 371 17.64 -22.17 -3.53
C VAL A 371 18.73 -21.14 -3.80
N ARG A 372 19.56 -21.38 -4.82
CA ARG A 372 20.56 -20.39 -5.22
C ARG A 372 19.89 -19.10 -5.67
N THR A 373 18.78 -19.20 -6.41
CA THR A 373 18.07 -18.00 -6.83
C THR A 373 17.57 -17.22 -5.62
N GLY A 374 16.99 -17.92 -4.64
CA GLY A 374 16.57 -17.25 -3.43
C GLY A 374 17.72 -16.58 -2.71
N LEU A 375 18.86 -17.25 -2.64
CA LEU A 375 20.02 -16.69 -1.96
C LEU A 375 20.53 -15.43 -2.67
N ILE A 376 20.59 -15.46 -4.00
CA ILE A 376 21.02 -14.29 -4.76
C ILE A 376 20.06 -13.13 -4.52
N SER A 377 18.76 -13.40 -4.54
CA SER A 377 17.79 -12.36 -4.20
C SER A 377 18.04 -11.81 -2.81
N GLY A 378 18.36 -12.69 -1.86
CA GLY A 378 18.60 -12.25 -0.50
C GLY A 378 19.80 -11.32 -0.39
N LEU A 379 20.91 -11.68 -1.03
CA LEU A 379 22.07 -10.79 -1.02
C LEU A 379 21.76 -9.47 -1.71
N ALA A 380 21.05 -9.50 -2.84
CA ALA A 380 20.72 -8.25 -3.51
C ALA A 380 19.90 -7.34 -2.60
N GLN A 381 18.86 -7.90 -1.98
CA GLN A 381 17.98 -7.12 -1.11
C GLN A 381 18.72 -6.61 0.12
N LEU A 382 19.58 -7.44 0.72
CA LEU A 382 20.29 -7.03 1.92
C LEU A 382 21.30 -5.94 1.60
N SER A 383 22.05 -6.07 0.50
CA SER A 383 23.01 -5.04 0.12
C SER A 383 22.30 -3.73 -0.22
N CYS A 384 21.12 -3.82 -0.84
CA CYS A 384 20.39 -2.60 -1.12
C CYS A 384 19.91 -1.92 0.15
N LEU A 385 19.48 -2.70 1.15
CA LEU A 385 19.15 -2.06 2.42
C LEU A 385 20.39 -1.58 3.16
N ILE A 386 21.56 -2.15 2.88
CA ILE A 386 22.79 -1.54 3.38
C ILE A 386 22.98 -0.16 2.76
N LEU A 387 22.67 -0.04 1.46
CA LEU A 387 22.66 1.29 0.85
C LEU A 387 21.66 2.20 1.56
N CYS A 388 20.50 1.66 1.93
CA CYS A 388 19.50 2.44 2.66
C CYS A 388 20.04 2.94 4.00
N VAL A 389 20.70 2.06 4.75
CA VAL A 389 21.18 2.46 6.08
C VAL A 389 22.35 3.42 5.95
N ILE A 390 23.17 3.29 4.90
CA ILE A 390 24.18 4.31 4.62
C ILE A 390 23.51 5.65 4.36
N SER A 391 22.43 5.65 3.57
CA SER A 391 21.72 6.89 3.28
C SER A 391 21.18 7.54 4.55
N VAL A 392 20.57 6.74 5.43
CA VAL A 392 19.98 7.32 6.63
C VAL A 392 21.07 7.76 7.62
N PHE A 393 22.22 7.07 7.61
CA PHE A 393 23.28 7.39 8.56
C PHE A 393 24.03 8.67 8.22
N MET A 394 23.95 9.14 6.97
CA MET A 394 24.67 10.33 6.58
C MET A 394 24.14 11.55 7.33
N PRO A 395 25.01 12.51 7.68
CA PRO A 395 24.62 13.74 8.38
C PRO A 395 23.61 14.57 7.61
N SER A 450 16.45 20.96 7.91
CA SER A 450 16.01 20.13 6.79
C SER A 450 16.98 18.98 6.55
N VAL A 451 16.83 18.31 5.41
CA VAL A 451 17.71 17.20 5.04
C VAL A 451 18.18 17.40 3.61
N PRO A 452 19.43 17.04 3.30
CA PRO A 452 19.89 17.14 1.90
C PRO A 452 19.08 16.24 0.99
N ILE A 453 18.91 16.70 -0.26
CA ILE A 453 18.19 15.92 -1.26
C ILE A 453 18.92 14.62 -1.54
N ILE A 454 20.25 14.60 -1.36
CA ILE A 454 21.04 13.41 -1.66
C ILE A 454 20.58 12.24 -0.79
N SER A 455 20.41 12.49 0.51
CA SER A 455 20.03 11.41 1.42
C SER A 455 18.67 10.83 1.06
N VAL A 456 17.69 11.69 0.79
CA VAL A 456 16.36 11.22 0.47
C VAL A 456 16.35 10.47 -0.85
N SER A 457 17.10 10.96 -1.84
CA SER A 457 17.19 10.26 -3.12
C SER A 457 17.81 8.88 -2.96
N LEU A 458 18.89 8.79 -2.16
CA LEU A 458 19.50 7.50 -1.91
C LEU A 458 18.55 6.56 -1.19
N LEU A 459 17.81 7.06 -0.20
CA LEU A 459 16.84 6.22 0.50
C LEU A 459 15.75 5.73 -0.45
N PHE A 460 15.30 6.61 -1.36
CA PHE A 460 14.25 6.23 -2.29
C PHE A 460 14.73 5.17 -3.28
N ALA A 461 15.90 5.37 -3.86
CA ALA A 461 16.45 4.34 -4.74
C ALA A 461 16.66 3.04 -3.98
N GLY A 462 17.06 3.14 -2.70
CA GLY A 462 17.25 1.96 -1.90
C GLY A 462 15.97 1.19 -1.67
N VAL A 463 14.88 1.88 -1.35
CA VAL A 463 13.62 1.15 -1.15
C VAL A 463 13.15 0.56 -2.47
N ILE A 464 13.36 1.28 -3.59
CA ILE A 464 12.93 0.76 -4.88
C ILE A 464 13.66 -0.52 -5.24
N ALA A 465 14.98 -0.58 -5.00
CA ALA A 465 15.70 -1.80 -5.35
C ALA A 465 15.56 -2.89 -4.28
N ALA A 466 15.36 -2.50 -3.02
CA ALA A 466 14.95 -3.46 -2.02
C ALA A 466 13.65 -4.13 -2.43
N ARG A 467 12.82 -3.42 -3.19
CA ARG A 467 11.57 -3.99 -3.67
C ARG A 467 11.83 -5.15 -4.64
N ILE A 468 12.77 -4.96 -5.57
CA ILE A 468 13.10 -6.04 -6.50
C ILE A 468 13.69 -7.24 -5.75
N GLY A 469 14.58 -6.97 -4.80
CA GLY A 469 15.13 -8.06 -4.01
C GLY A 469 14.04 -8.82 -3.28
N LEU A 470 13.13 -8.09 -2.64
CA LEU A 470 12.06 -8.71 -1.87
C LEU A 470 11.17 -9.57 -2.76
N TRP A 471 10.83 -9.08 -3.96
CA TRP A 471 9.90 -9.85 -4.78
C TRP A 471 10.56 -11.08 -5.39
N SER A 472 11.83 -10.98 -5.76
CA SER A 472 12.52 -12.19 -6.21
C SER A 472 12.56 -13.22 -5.09
N PHE A 473 12.86 -12.78 -3.87
CA PHE A 473 12.87 -13.69 -2.72
C PHE A 473 11.50 -14.30 -2.49
N ASP A 474 10.44 -13.49 -2.58
CA ASP A 474 9.10 -13.98 -2.31
C ASP A 474 8.66 -14.99 -3.34
N LEU A 475 8.96 -14.74 -4.62
CA LEU A 475 8.66 -15.74 -5.64
C LEU A 475 9.41 -17.03 -5.39
N THR A 476 10.67 -16.93 -4.97
CA THR A 476 11.41 -18.16 -4.66
C THR A 476 10.75 -18.93 -3.52
N VAL A 477 10.37 -18.24 -2.45
CA VAL A 477 9.77 -18.94 -1.31
C VAL A 477 8.41 -19.52 -1.69
N THR A 478 7.65 -18.82 -2.53
CA THR A 478 6.40 -19.37 -3.03
C THR A 478 6.65 -20.65 -3.81
N GLN A 479 7.69 -20.66 -4.63
CA GLN A 479 8.03 -21.88 -5.38
C GLN A 479 8.38 -23.02 -4.43
N LEU A 480 9.18 -22.74 -3.39
CA LEU A 480 9.53 -23.78 -2.43
C LEU A 480 8.30 -24.32 -1.72
N LEU A 481 7.40 -23.43 -1.29
CA LEU A 481 6.20 -23.88 -0.58
C LEU A 481 5.31 -24.71 -1.48
N GLN A 482 5.15 -24.30 -2.73
CA GLN A 482 4.35 -25.11 -3.66
C GLN A 482 5.03 -26.42 -4.00
N GLU A 483 6.36 -26.50 -3.88
CA GLU A 483 7.09 -27.70 -4.26
C GLU A 483 7.16 -28.75 -3.17
N ASN A 484 7.48 -28.34 -1.94
CA ASN A 484 7.92 -29.28 -0.90
C ASN A 484 6.84 -29.59 0.12
N VAL A 485 5.58 -29.73 -0.31
CA VAL A 485 4.50 -30.14 0.58
C VAL A 485 3.96 -31.48 0.09
N ILE A 486 3.53 -32.32 1.03
CA ILE A 486 3.17 -33.71 0.79
C ILE A 486 1.90 -33.78 -0.06
N GLU A 487 1.29 -32.62 -0.32
CA GLU A 487 0.08 -32.39 -1.10
C GLU A 487 -1.17 -32.78 -0.32
N SER A 488 -1.03 -33.47 0.80
CA SER A 488 -2.17 -33.73 1.68
C SER A 488 -2.34 -32.65 2.74
N GLU A 489 -1.47 -31.63 2.73
CA GLU A 489 -1.38 -30.70 3.84
C GLU A 489 -1.18 -29.26 3.37
N ARG A 490 -1.28 -29.00 2.05
CA ARG A 490 -0.88 -27.70 1.52
C ARG A 490 -1.69 -26.57 2.11
N GLY A 491 -3.01 -26.75 2.22
CA GLY A 491 -3.86 -25.68 2.71
C GLY A 491 -3.46 -25.21 4.10
N ILE A 492 -3.23 -26.15 5.02
CA ILE A 492 -2.90 -25.78 6.39
C ILE A 492 -1.53 -25.11 6.45
N ILE A 493 -0.55 -25.65 5.72
CA ILE A 493 0.78 -25.07 5.72
C ILE A 493 0.74 -23.64 5.20
N ASN A 494 0.03 -23.41 4.11
CA ASN A 494 -0.03 -22.06 3.57
C ASN A 494 -0.85 -21.13 4.47
N GLY A 495 -1.89 -21.66 5.13
CA GLY A 495 -2.63 -20.83 6.05
C GLY A 495 -1.80 -20.38 7.24
N VAL A 496 -1.04 -21.30 7.83
CA VAL A 496 -0.17 -20.90 8.94
C VAL A 496 0.96 -20.01 8.44
N GLN A 497 1.39 -20.19 7.19
CA GLN A 497 2.37 -19.29 6.60
C GLN A 497 1.83 -17.86 6.55
N ASN A 498 0.59 -17.71 6.08
CA ASN A 498 -0.03 -16.39 6.04
C ASN A 498 -0.24 -15.85 7.45
N SER A 499 -0.57 -16.73 8.40
CA SER A 499 -0.75 -16.30 9.78
C SER A 499 0.56 -15.75 10.35
N MET A 500 1.68 -16.40 10.08
CA MET A 500 2.98 -15.91 10.54
C MET A 500 3.35 -14.60 9.85
N ASN A 501 3.12 -14.53 8.54
CA ASN A 501 3.37 -13.30 7.80
C ASN A 501 2.62 -12.14 8.43
N TYR A 502 1.34 -12.33 8.69
CA TYR A 502 0.54 -11.28 9.29
C TYR A 502 0.86 -11.07 10.76
N LEU A 503 1.44 -12.06 11.44
CA LEU A 503 1.90 -11.86 12.81
C LEU A 503 3.04 -10.86 12.84
N LEU A 504 4.02 -11.05 11.98
CA LEU A 504 5.12 -10.08 11.95
C LEU A 504 4.68 -8.76 11.34
N ASP A 505 3.66 -8.77 10.46
CA ASP A 505 3.05 -7.51 10.05
C ASP A 505 2.38 -6.82 11.23
N LEU A 506 1.78 -7.60 12.13
CA LEU A 506 1.17 -7.03 13.33
C LEU A 506 2.22 -6.41 14.23
N LEU A 507 3.37 -7.07 14.39
CA LEU A 507 4.45 -6.45 15.15
C LEU A 507 4.97 -5.20 14.46
N HIS A 508 4.99 -5.19 13.13
CA HIS A 508 5.30 -3.97 12.38
C HIS A 508 4.34 -2.84 12.75
N PHE A 509 3.04 -3.15 12.78
CA PHE A 509 2.05 -2.15 13.13
C PHE A 509 2.23 -1.67 14.57
N ILE A 510 2.53 -2.58 15.49
CA ILE A 510 2.76 -2.18 16.87
C ILE A 510 3.98 -1.26 16.97
N MET A 511 5.05 -1.59 16.24
CA MET A 511 6.24 -0.75 16.24
C MET A 511 5.91 0.64 15.70
N VAL A 512 5.11 0.71 14.65
CA VAL A 512 4.70 2.01 14.12
C VAL A 512 3.89 2.77 15.17
N ILE A 513 3.00 2.08 15.87
CA ILE A 513 2.18 2.71 16.90
C ILE A 513 3.07 3.29 18.00
N LEU A 514 4.12 2.55 18.38
CA LEU A 514 4.93 2.96 19.52
C LEU A 514 5.79 4.19 19.23
N ALA A 515 6.00 4.55 17.96
CA ALA A 515 6.84 5.69 17.60
C ALA A 515 6.16 6.58 16.56
N PRO A 516 5.15 7.36 16.96
CA PRO A 516 4.57 8.33 16.02
C PRO A 516 5.51 9.46 15.66
N ASN A 517 6.51 9.73 16.49
CA ASN A 517 7.29 10.95 16.36
C ASN A 517 8.15 10.90 15.09
N PRO A 518 8.26 12.01 14.36
CA PRO A 518 9.14 12.04 13.19
C PRO A 518 10.60 11.74 13.52
N GLU A 519 11.07 12.13 14.70
CA GLU A 519 12.45 11.87 15.09
C GLU A 519 12.62 10.45 15.62
N ALA A 520 12.11 9.48 14.87
CA ALA A 520 12.36 8.07 15.13
C ALA A 520 12.51 7.27 13.84
N PHE A 521 12.49 7.94 12.68
CA PHE A 521 12.52 7.24 11.40
C PHE A 521 13.81 6.47 11.22
N GLY A 522 14.94 7.05 11.63
CA GLY A 522 16.21 6.35 11.52
C GLY A 522 16.23 5.07 12.33
N LEU A 523 15.74 5.13 13.57
CA LEU A 523 15.67 3.92 14.39
C LEU A 523 14.74 2.89 13.77
N LEU A 524 13.60 3.32 13.24
CA LEU A 524 12.67 2.39 12.60
C LEU A 524 13.32 1.71 11.41
N VAL A 525 14.04 2.48 10.58
CA VAL A 525 14.72 1.90 9.44
C VAL A 525 15.77 0.90 9.89
N LEU A 526 16.54 1.26 10.93
CA LEU A 526 17.55 0.33 11.44
C LEU A 526 16.91 -0.98 11.89
N ILE A 527 15.80 -0.89 12.60
CA ILE A 527 15.11 -2.09 13.08
C ILE A 527 14.63 -2.93 11.91
N SER A 528 14.04 -2.28 10.90
CA SER A 528 13.54 -3.02 9.73
C SER A 528 14.67 -3.73 9.01
N VAL A 529 15.80 -3.03 8.82
CA VAL A 529 16.95 -3.65 8.16
C VAL A 529 17.47 -4.82 8.97
N SER A 530 17.50 -4.67 10.30
CA SER A 530 17.95 -5.77 11.16
C SER A 530 17.07 -6.99 11.01
N PHE A 531 15.75 -6.78 10.99
CA PHE A 531 14.84 -7.92 10.85
C PHE A 531 14.96 -8.56 9.47
N VAL A 532 15.15 -7.74 8.44
CA VAL A 532 15.41 -8.27 7.10
C VAL A 532 16.64 -9.16 7.12
N ALA A 533 17.71 -8.68 7.75
CA ALA A 533 18.94 -9.44 7.85
C ALA A 533 18.69 -10.77 8.56
N MET A 534 17.94 -10.74 9.65
CA MET A 534 17.62 -11.97 10.38
C MET A 534 16.88 -12.96 9.50
N GLY A 535 15.89 -12.47 8.74
CA GLY A 535 15.16 -13.34 7.84
C GLY A 535 16.04 -14.00 6.81
N HIS A 536 16.93 -13.21 6.20
CA HIS A 536 17.83 -13.79 5.21
C HIS A 536 18.86 -14.73 5.85
N ILE A 537 19.28 -14.49 7.08
CA ILE A 537 20.15 -15.44 7.77
C ILE A 537 19.43 -16.77 7.98
N MET A 538 18.16 -16.72 8.37
CA MET A 538 17.42 -17.97 8.55
C MET A 538 17.22 -18.69 7.21
N TYR A 539 16.96 -17.95 6.14
CA TYR A 539 16.90 -18.58 4.82
C TYR A 539 18.26 -19.17 4.44
N PHE A 540 19.35 -18.53 4.87
CA PHE A 540 20.68 -19.07 4.63
C PHE A 540 20.89 -20.38 5.39
N ARG A 541 20.36 -20.46 6.61
CA ARG A 541 20.38 -21.71 7.33
C ARG A 541 19.63 -22.79 6.57
N PHE A 542 18.46 -22.44 6.02
CA PHE A 542 17.71 -23.41 5.22
C PHE A 542 18.53 -23.86 4.02
N ALA A 543 19.19 -22.92 3.35
CA ALA A 543 20.02 -23.24 2.19
C ALA A 543 21.13 -24.21 2.56
N GLN A 544 21.84 -23.93 3.66
CA GLN A 544 22.88 -24.84 4.12
C GLN A 544 22.30 -26.22 4.41
N ASN A 545 21.15 -26.27 5.07
CA ASN A 545 20.56 -27.56 5.43
C ASN A 545 20.22 -28.37 4.19
N THR A 546 19.58 -27.74 3.19
CA THR A 546 19.05 -28.49 2.06
C THR A 546 20.04 -28.70 0.93
N LEU A 547 21.15 -27.96 0.88
CA LEU A 547 22.17 -28.17 -0.15
C LEU A 547 23.47 -28.73 0.41
N GLY A 548 24.12 -28.02 1.32
CA GLY A 548 25.45 -28.40 1.74
C GLY A 548 26.48 -28.24 0.64
N ASN A 549 26.13 -27.50 -0.41
CA ASN A 549 27.01 -27.27 -1.55
C ASN A 549 26.74 -25.88 -2.11
N LYS A 550 27.80 -25.24 -2.60
CA LYS A 550 27.70 -23.92 -3.22
C LYS A 550 28.56 -23.83 -4.48
N VAL B 2 -6.72 20.18 8.85
CA VAL B 2 -5.50 20.59 8.15
C VAL B 2 -5.62 22.06 7.72
N GLN B 3 -6.51 22.78 8.38
CA GLN B 3 -6.73 24.18 8.06
C GLN B 3 -5.47 25.00 8.35
N LEU B 4 -5.21 25.98 7.48
CA LEU B 4 -4.03 26.83 7.59
C LEU B 4 -4.43 28.29 7.57
N VAL B 5 -3.70 29.10 8.34
CA VAL B 5 -4.01 30.52 8.48
C VAL B 5 -2.73 31.33 8.27
N GLU B 6 -2.87 32.47 7.60
CA GLU B 6 -1.76 33.38 7.34
C GLU B 6 -2.12 34.77 7.84
N SER B 7 -1.11 35.50 8.30
CA SER B 7 -1.33 36.83 8.86
C SER B 7 -0.17 37.74 8.48
N GLY B 8 -0.39 39.05 8.63
CA GLY B 8 0.65 40.02 8.43
C GLY B 8 0.39 41.03 7.34
N GLY B 9 -0.82 41.02 6.77
CA GLY B 9 -1.16 41.94 5.72
C GLY B 9 -1.47 43.34 6.23
N GLY B 10 -1.62 44.26 5.29
CA GLY B 10 -1.94 45.64 5.65
C GLY B 10 -1.53 46.60 4.55
N LEU B 11 -1.20 47.82 4.96
CA LEU B 11 -0.83 48.91 4.07
C LEU B 11 0.56 49.42 4.39
N VAL B 12 1.40 49.52 3.36
CA VAL B 12 2.72 50.12 3.48
C VAL B 12 2.94 51.01 2.26
N GLN B 13 3.80 52.02 2.42
CA GLN B 13 4.11 52.91 1.32
C GLN B 13 4.81 52.16 0.20
N ALA B 14 4.61 52.62 -1.04
CA ALA B 14 5.21 51.98 -2.19
C ALA B 14 6.73 51.93 -2.06
N GLY B 15 7.30 50.80 -2.43
CA GLY B 15 8.72 50.57 -2.29
C GLY B 15 9.16 50.09 -0.92
N GLY B 16 8.22 49.77 -0.03
CA GLY B 16 8.54 49.33 1.31
C GLY B 16 8.82 47.84 1.39
N SER B 17 8.53 47.28 2.56
CA SER B 17 8.76 45.86 2.81
C SER B 17 7.74 45.36 3.83
N LEU B 18 7.41 44.07 3.72
CA LEU B 18 6.38 43.48 4.57
C LEU B 18 6.53 41.97 4.49
N ARG B 19 5.91 41.27 5.44
CA ARG B 19 6.15 39.84 5.62
C ARG B 19 4.86 39.13 6.02
N LEU B 20 4.37 38.25 5.14
CA LEU B 20 3.23 37.39 5.45
C LEU B 20 3.75 36.09 6.06
N SER B 21 3.09 35.64 7.12
CA SER B 21 3.43 34.39 7.80
C SER B 21 2.24 33.44 7.71
N CYS B 22 2.44 32.30 7.05
CA CYS B 22 1.42 31.24 6.96
C CYS B 22 1.71 30.18 8.00
N ALA B 23 0.77 30.00 8.93
CA ALA B 23 0.87 28.98 9.97
C ALA B 23 -0.01 27.80 9.62
N ALA B 24 0.58 26.61 9.57
CA ALA B 24 -0.12 25.40 9.21
C ALA B 24 -0.02 24.38 10.34
N SER B 25 -1.04 23.54 10.46
CA SER B 25 -1.17 22.64 11.60
C SER B 25 -1.20 21.16 11.21
N GLY B 26 -2.17 20.76 10.37
CA GLY B 26 -2.42 19.35 10.18
C GLY B 26 -1.44 18.62 9.31
N PHE B 27 -0.60 19.35 8.59
CA PHE B 27 0.31 18.74 7.62
C PHE B 27 1.69 19.35 7.78
N PRO B 28 2.74 18.62 7.39
CA PRO B 28 4.08 19.18 7.41
C PRO B 28 4.24 20.27 6.37
N VAL B 29 5.14 21.21 6.65
CA VAL B 29 5.43 22.28 5.71
C VAL B 29 6.85 22.11 5.21
N ALA B 30 7.33 20.87 5.22
CA ALA B 30 8.60 20.55 4.61
C ALA B 30 8.51 19.37 3.65
N TRP B 31 7.34 18.73 3.54
CA TRP B 31 7.19 17.55 2.69
C TRP B 31 6.04 17.75 1.70
N ASN B 32 5.54 18.97 1.59
CA ASN B 32 4.43 19.27 0.70
C ASN B 32 4.70 20.60 0.02
N GLU B 33 4.56 20.61 -1.31
CA GLU B 33 4.76 21.81 -2.11
C GLU B 33 3.82 22.94 -1.69
N MET B 34 4.39 24.02 -1.15
CA MET B 34 3.65 25.21 -0.77
C MET B 34 3.88 26.30 -1.79
N ARG B 35 2.81 27.01 -2.15
CA ARG B 35 2.90 28.12 -3.09
C ARG B 35 2.06 29.28 -2.57
N TRP B 36 2.22 30.43 -3.22
CA TRP B 36 1.47 31.64 -2.94
C TRP B 36 0.76 32.12 -4.20
N TYR B 37 -0.46 32.61 -4.04
CA TYR B 37 -1.22 33.20 -5.13
C TYR B 37 -1.69 34.61 -4.77
N ARG B 38 -1.93 35.40 -5.80
CA ARG B 38 -2.43 36.76 -5.67
C ARG B 38 -3.88 36.80 -6.14
N GLN B 39 -4.72 37.50 -5.41
CA GLN B 39 -6.11 37.73 -5.82
C GLN B 39 -6.29 39.24 -5.97
N ALA B 40 -5.98 39.76 -7.15
CA ALA B 40 -6.14 41.19 -7.39
C ALA B 40 -7.60 41.51 -7.72
N PRO B 41 -8.09 42.66 -7.28
CA PRO B 41 -9.49 43.02 -7.56
C PRO B 41 -9.73 43.13 -9.05
N GLY B 42 -10.90 42.66 -9.48
CA GLY B 42 -11.31 42.76 -10.87
C GLY B 42 -10.67 41.76 -11.81
N LYS B 43 -9.91 40.80 -11.31
CA LYS B 43 -9.25 39.82 -12.16
C LYS B 43 -9.01 38.54 -11.38
N GLU B 44 -8.92 37.43 -12.10
CA GLU B 44 -8.77 36.13 -11.47
C GLU B 44 -7.32 35.95 -10.99
N ARG B 45 -7.11 34.87 -10.23
CA ARG B 45 -5.93 34.72 -9.39
C ARG B 45 -4.67 34.48 -10.21
N GLU B 46 -3.52 34.83 -9.62
CA GLU B 46 -2.23 34.66 -10.27
C GLU B 46 -1.26 33.98 -9.32
N TRP B 47 -0.21 33.38 -9.91
CA TRP B 47 0.78 32.64 -9.14
C TRP B 47 1.89 33.58 -8.67
N VAL B 48 2.29 33.43 -7.40
CA VAL B 48 3.32 34.28 -6.83
C VAL B 48 4.66 33.56 -6.84
N ALA B 49 4.78 32.50 -6.05
CA ALA B 49 6.05 31.82 -5.86
C ALA B 49 5.79 30.35 -5.55
N ALA B 50 6.87 29.60 -5.38
CA ALA B 50 6.74 28.16 -5.16
C ALA B 50 7.93 27.66 -4.34
N ILE B 51 7.63 26.77 -3.39
CA ILE B 51 8.61 25.97 -2.70
C ILE B 51 8.37 24.50 -3.03
N ALA B 52 9.43 23.81 -3.42
CA ALA B 52 9.31 22.41 -3.80
C ALA B 52 9.01 21.55 -2.58
N SER B 53 8.54 20.33 -2.85
CA SER B 53 8.18 19.42 -1.77
C SER B 53 9.42 18.90 -1.06
N ILE B 54 10.37 18.35 -1.82
CA ILE B 54 11.51 17.67 -1.22
C ILE B 54 12.66 18.64 -0.96
N GLY B 55 13.13 19.33 -2.00
CA GLY B 55 14.27 20.22 -1.87
C GLY B 55 13.86 21.67 -1.65
N VAL B 56 14.80 22.45 -1.13
CA VAL B 56 14.58 23.89 -0.93
C VAL B 56 15.04 24.57 -2.20
N THR B 57 14.16 24.57 -3.20
CA THR B 57 14.36 25.26 -4.46
C THR B 57 13.10 26.04 -4.79
N THR B 58 13.26 27.26 -5.26
CA THR B 58 12.13 28.17 -5.44
C THR B 58 11.84 28.38 -6.93
N TYR B 59 10.59 28.70 -7.22
CA TYR B 59 10.09 28.88 -8.58
C TYR B 59 9.29 30.18 -8.68
N TYR B 60 9.90 31.30 -8.28
CA TYR B 60 9.20 32.59 -8.29
C TYR B 60 8.59 32.86 -9.67
N ALA B 61 7.52 33.63 -9.69
CA ALA B 61 6.89 34.00 -10.95
C ALA B 61 7.77 34.96 -11.74
N ASP B 62 7.65 34.91 -13.06
CA ASP B 62 8.48 35.74 -13.92
C ASP B 62 8.23 37.22 -13.68
N SER B 63 6.96 37.62 -13.56
CA SER B 63 6.63 39.04 -13.47
C SER B 63 7.17 39.68 -12.19
N VAL B 64 7.31 38.90 -11.12
CA VAL B 64 7.63 39.46 -9.82
C VAL B 64 8.92 38.83 -9.27
N LYS B 65 9.70 38.21 -10.14
CA LYS B 65 10.89 37.47 -9.73
C LYS B 65 11.91 38.36 -9.05
N GLY B 66 12.65 37.79 -8.10
CA GLY B 66 13.76 38.47 -7.45
C GLY B 66 13.35 39.30 -6.25
N ARG B 67 12.42 40.23 -6.49
CA ARG B 67 11.92 41.13 -5.46
C ARG B 67 11.03 40.45 -4.43
N PHE B 68 10.60 39.22 -4.66
CA PHE B 68 9.95 38.44 -3.62
C PHE B 68 10.88 37.34 -3.16
N THR B 69 10.78 36.97 -1.89
CA THR B 69 11.56 35.88 -1.32
C THR B 69 10.65 35.03 -0.45
N ILE B 70 10.79 33.71 -0.59
CA ILE B 70 10.00 32.74 0.15
C ILE B 70 10.95 31.82 0.92
N SER B 71 10.55 31.45 2.13
CA SER B 71 11.33 30.55 2.95
C SER B 71 10.41 29.78 3.88
N ARG B 72 10.62 28.47 3.96
CA ARG B 72 9.90 27.60 4.87
C ARG B 72 10.68 27.40 6.17
N ASP B 73 9.94 27.08 7.24
CA ASP B 73 10.55 26.79 8.53
C ASP B 73 9.86 25.56 9.11
N ASN B 74 10.59 24.46 9.20
CA ASN B 74 10.00 23.21 9.68
C ASN B 74 9.78 23.25 11.20
N ALA B 75 10.67 23.92 11.93
CA ALA B 75 10.57 23.93 13.39
C ALA B 75 9.27 24.58 13.84
N LYS B 76 8.98 25.78 13.35
CA LYS B 76 7.76 26.46 13.74
C LYS B 76 6.56 25.95 12.94
N ASN B 77 6.79 25.12 11.93
CA ASN B 77 5.73 24.57 11.08
C ASN B 77 5.00 25.71 10.34
N THR B 78 5.77 26.48 9.59
CA THR B 78 5.25 27.65 8.89
C THR B 78 6.08 27.90 7.64
N VAL B 79 5.58 28.81 6.80
CA VAL B 79 6.27 29.27 5.61
C VAL B 79 6.14 30.79 5.55
N TYR B 80 7.16 31.44 4.98
CA TYR B 80 7.26 32.89 4.99
C TYR B 80 7.50 33.46 3.60
N LEU B 81 6.95 34.65 3.36
CA LEU B 81 7.26 35.49 2.21
C LEU B 81 7.74 36.85 2.72
N GLN B 82 9.00 37.18 2.46
CA GLN B 82 9.52 38.52 2.72
C GLN B 82 9.35 39.37 1.47
N MET B 83 8.68 40.51 1.60
CA MET B 83 8.38 41.38 0.47
C MET B 83 9.34 42.56 0.49
N ASN B 84 9.77 42.99 -0.70
CA ASN B 84 10.66 44.13 -0.84
C ASN B 84 10.25 44.97 -2.05
N SER B 85 10.38 46.28 -1.91
CA SER B 85 10.13 47.23 -2.99
C SER B 85 8.71 47.07 -3.55
N LEU B 86 7.74 47.31 -2.69
CA LEU B 86 6.35 47.02 -3.04
C LEU B 86 5.79 48.08 -3.97
N LYS B 87 5.19 47.62 -5.07
CA LYS B 87 4.69 48.45 -6.16
C LYS B 87 3.17 48.52 -6.13
N PRO B 88 2.56 49.53 -6.76
CA PRO B 88 1.10 49.65 -6.71
C PRO B 88 0.36 48.46 -7.28
N GLU B 89 0.90 47.80 -8.30
CA GLU B 89 0.24 46.62 -8.85
C GLU B 89 0.27 45.43 -7.89
N ASP B 90 1.04 45.52 -6.82
CA ASP B 90 1.10 44.45 -5.82
C ASP B 90 -0.09 44.44 -4.88
N THR B 91 -0.95 45.47 -4.94
CA THR B 91 -2.17 45.49 -4.14
C THR B 91 -3.10 44.37 -4.58
N ALA B 92 -3.32 43.40 -3.70
CA ALA B 92 -4.12 42.22 -4.02
C ALA B 92 -4.38 41.45 -2.71
N VAL B 93 -5.12 40.36 -2.84
CA VAL B 93 -5.39 39.46 -1.72
C VAL B 93 -4.53 38.21 -1.89
N TYR B 94 -3.81 37.85 -0.84
CA TYR B 94 -2.87 36.73 -0.89
C TYR B 94 -3.53 35.48 -0.35
N TYR B 95 -3.39 34.38 -1.09
CA TYR B 95 -3.89 33.07 -0.67
C TYR B 95 -2.73 32.12 -0.44
N CYS B 96 -2.66 31.57 0.77
CA CYS B 96 -1.71 30.51 1.09
C CYS B 96 -2.32 29.18 0.72
N ASN B 97 -1.56 28.35 0.00
CA ASN B 97 -2.14 27.14 -0.58
C ASN B 97 -1.19 25.96 -0.40
N VAL B 98 -1.72 24.77 -0.61
CA VAL B 98 -0.95 23.54 -0.66
C VAL B 98 -1.39 22.76 -1.88
N LYS B 99 -0.42 22.31 -2.68
CA LYS B 99 -0.69 21.53 -3.86
C LYS B 99 -0.20 20.10 -3.65
N ASP B 100 -0.99 19.14 -4.13
CA ASP B 100 -0.61 17.73 -4.17
C ASP B 100 -0.42 17.16 -2.75
N TYR B 101 -1.48 17.27 -1.95
CA TYR B 101 -1.56 16.62 -0.66
C TYR B 101 -2.70 15.61 -0.67
N GLY B 102 -2.43 14.40 -0.22
CA GLY B 102 -3.42 13.34 -0.25
C GLY B 102 -2.77 11.96 -0.25
N MET B 103 -3.37 11.06 -1.03
CA MET B 103 -2.96 9.66 -1.07
C MET B 103 -1.84 9.49 -2.09
N ALA B 104 -1.50 8.23 -2.36
CA ALA B 104 -0.72 7.92 -3.56
C ALA B 104 -1.45 8.37 -4.83
N PHE B 105 -2.77 8.16 -4.89
CA PHE B 105 -3.53 8.51 -6.08
C PHE B 105 -4.82 9.26 -5.76
N TRP B 106 -4.91 9.87 -4.59
CA TRP B 106 -6.06 10.67 -4.17
C TRP B 106 -5.56 11.87 -3.38
N TYR B 107 -5.52 13.03 -4.04
CA TYR B 107 -4.95 14.24 -3.49
C TYR B 107 -5.71 15.47 -3.98
N TYR B 108 -5.63 16.54 -3.19
CA TYR B 108 -6.36 17.77 -3.47
C TYR B 108 -5.48 19.01 -3.43
N ASP B 109 -6.13 20.17 -3.48
CA ASP B 109 -5.50 21.47 -3.27
C ASP B 109 -6.26 22.18 -2.16
N TYR B 110 -5.55 22.64 -1.15
CA TYR B 110 -6.16 23.26 0.03
C TYR B 110 -5.77 24.73 0.11
N TRP B 111 -6.69 25.55 0.60
CA TRP B 111 -6.57 27.00 0.51
C TRP B 111 -6.71 27.64 1.88
N GLY B 112 -6.15 28.86 1.99
CA GLY B 112 -6.29 29.65 3.19
C GLY B 112 -7.46 30.61 3.11
N GLN B 113 -7.68 31.31 4.23
CA GLN B 113 -8.78 32.28 4.27
C GLN B 113 -8.47 33.51 3.44
N GLY B 114 -7.22 33.94 3.40
CA GLY B 114 -6.84 35.08 2.59
C GLY B 114 -6.62 36.34 3.42
N THR B 115 -5.62 37.13 3.01
CA THR B 115 -5.29 38.37 3.69
C THR B 115 -5.20 39.50 2.67
N GLN B 116 -5.55 40.70 3.11
CA GLN B 116 -5.52 41.88 2.25
C GLN B 116 -4.17 42.58 2.39
N VAL B 117 -3.48 42.76 1.26
CA VAL B 117 -2.23 43.50 1.21
C VAL B 117 -2.38 44.60 0.18
N THR B 118 -2.21 45.85 0.60
CA THR B 118 -2.43 47.01 -0.26
C THR B 118 -1.20 47.88 -0.27
N VAL B 119 -0.96 48.52 -1.43
CA VAL B 119 0.19 49.38 -1.64
C VAL B 119 -0.32 50.77 -2.03
N SER B 120 0.17 51.79 -1.33
CA SER B 120 -0.24 53.17 -1.57
C SER B 120 0.96 54.01 -1.98
N ALA B 121 0.70 55.00 -2.84
CA ALA B 121 1.75 55.90 -3.30
C ALA B 121 1.37 57.35 -3.04
#